data_2ZT7
#
_entry.id   2ZT7
#
_cell.length_a   116.526
_cell.length_b   139.748
_cell.length_c   132.404
_cell.angle_alpha   90.00
_cell.angle_beta   90.00
_cell.angle_gamma   90.00
#
_symmetry.space_group_name_H-M   'C 2 2 21'
#
loop_
_entity.id
_entity.type
_entity.pdbx_description
1 polymer 'Glycyl-tRNA synthetase'
2 non-polymer GLYCINE
3 non-polymer "ADENOSINE-5'-TRIPHOSPHATE"
4 water water
#
_entity_poly.entity_id   1
_entity_poly.type   'polypeptide(L)'
_entity_poly.pdbx_seq_one_letter_code
;MDGAGAEEVLAPLRLAVRQQGDLVRKLKEDKAPQVDVDKAVAELKARKRVLEAKELALQPKDDIVDRAKMEDTLKRRFFY
DQAFAIYGGVSGLYDFGPVGCALKNNIIQTWRQHFIQEEQILEIDCTMLTPEPVLKTSGHVDKFADFMVKDVKNGECFRA
DHLLKAHLQKLMSDKKCSVEKKSEMESVLAQLDNYGQQELADLFVNYNVKSPITGNDLSPPVSFNLMFKTFIGPGGNMPG
YLRPETAQGIFLNFKRLLEFNQGKLPFAAAQIGNSFRNEISPRSGLIRVREFTMAEIEHFVDPSEKDHPKFQNVADLHLY
LYSAKAQVSGQSARKMRLGDAVEQGVINNTVLGYFIGRIYLYLTKVGISPDKLRFRQHMENEMAHYACDCWDAESKTSYG
WIEIVGCADRSCYDLSCHARATKVPLVAEKPLKEPKTVNVVQFEPSKGAIGKAYKKDAKLVMEYLAICDECYITEMEMLL
NEKGEFTIETEGKTFQLTKDMINVKRFQKTLYVEEVVPNVIEPSFGLGRIMYTVFEHTFHVREGDEQRTFFSFPAVVAPF
KCSVLPLSQNQEFMPFVKELSEALTRHGVSHKVDDSSGSIGRRYARTDEIGVAFGVTIDFDTVNKTPHTATLRDRDSMRQ
IRAEISELPSIVQDLANGNITWADVEARYPLFEGQETGKKETIEELEHHHHHH
;
_entity_poly.pdbx_strand_id   A
#
# COMPACT_ATOMS: atom_id res chain seq x y z
N ILE A 64 -0.21 -15.41 10.43
CA ILE A 64 -1.57 -15.63 11.00
C ILE A 64 -1.84 -14.60 12.10
N VAL A 65 -2.18 -13.37 11.68
CA VAL A 65 -2.45 -12.29 12.62
C VAL A 65 -3.89 -12.32 13.11
N ASP A 66 -4.11 -11.86 14.35
CA ASP A 66 -5.44 -11.80 14.93
C ASP A 66 -6.06 -10.44 14.66
N ARG A 67 -6.63 -10.31 13.46
CA ARG A 67 -7.27 -9.08 13.02
C ARG A 67 -8.02 -8.35 14.13
N ALA A 68 -8.94 -9.07 14.78
CA ALA A 68 -9.75 -8.52 15.85
C ALA A 68 -8.92 -7.71 16.85
N LYS A 69 -8.03 -8.40 17.57
CA LYS A 69 -7.20 -7.76 18.57
C LYS A 69 -6.44 -6.56 18.02
N MET A 70 -5.99 -6.67 16.77
CA MET A 70 -5.26 -5.59 16.13
C MET A 70 -6.13 -4.36 15.88
N GLU A 71 -7.24 -4.56 15.18
CA GLU A 71 -8.15 -3.46 14.88
C GLU A 71 -8.49 -2.67 16.14
N ASP A 72 -8.54 -3.36 17.27
CA ASP A 72 -8.86 -2.71 18.54
C ASP A 72 -7.76 -1.73 18.96
N THR A 73 -6.51 -2.15 18.81
CA THR A 73 -5.37 -1.33 19.17
C THR A 73 -5.23 -0.14 18.21
N LEU A 74 -5.49 -0.38 16.93
CA LEU A 74 -5.38 0.66 15.92
C LEU A 74 -6.43 1.74 16.12
N LYS A 75 -7.57 1.37 16.70
CA LYS A 75 -8.65 2.32 16.93
C LYS A 75 -8.56 2.98 18.31
N ARG A 76 -8.03 2.24 19.28
CA ARG A 76 -7.90 2.76 20.63
C ARG A 76 -6.84 3.87 20.68
N ARG A 77 -5.73 3.66 19.98
CA ARG A 77 -4.66 4.65 19.94
C ARG A 77 -4.98 5.67 18.84
N PHE A 78 -6.07 5.40 18.14
CA PHE A 78 -6.58 6.25 17.06
C PHE A 78 -5.71 6.42 15.83
N PHE A 79 -5.35 5.31 15.20
CA PHE A 79 -4.58 5.34 13.98
C PHE A 79 -5.63 5.73 12.94
N TYR A 80 -6.79 5.10 13.06
CA TYR A 80 -7.92 5.35 12.19
C TYR A 80 -9.18 4.87 12.93
N ASP A 81 -10.34 5.14 12.36
CA ASP A 81 -11.60 4.73 12.97
C ASP A 81 -12.75 5.01 12.03
N GLN A 82 -13.95 4.58 12.41
CA GLN A 82 -15.13 4.80 11.57
C GLN A 82 -15.45 6.28 11.41
N ALA A 83 -15.69 6.68 10.17
CA ALA A 83 -16.03 8.07 9.88
C ALA A 83 -17.52 8.23 10.17
N PHE A 84 -17.89 9.36 10.77
CA PHE A 84 -19.29 9.61 11.11
C PHE A 84 -19.77 8.48 12.00
N ALA A 85 -18.99 8.19 13.04
CA ALA A 85 -19.32 7.12 13.97
C ALA A 85 -20.58 7.42 14.77
N ILE A 86 -20.67 8.64 15.30
CA ILE A 86 -21.83 9.02 16.09
C ILE A 86 -23.12 9.05 15.27
N TYR A 87 -23.01 8.81 13.97
CA TYR A 87 -24.16 8.79 13.08
C TYR A 87 -24.39 7.37 12.56
N GLY A 88 -23.71 6.40 13.17
CA GLY A 88 -23.85 5.02 12.74
C GLY A 88 -22.74 4.59 11.81
N GLY A 89 -22.01 5.56 11.27
CA GLY A 89 -20.92 5.26 10.37
C GLY A 89 -21.34 4.93 8.95
N VAL A 90 -20.36 4.83 8.06
CA VAL A 90 -20.61 4.52 6.65
C VAL A 90 -19.53 3.54 6.20
N SER A 91 -19.96 2.48 5.51
CA SER A 91 -19.01 1.48 5.05
C SER A 91 -18.08 2.04 3.98
N GLY A 92 -16.79 1.78 4.13
CA GLY A 92 -15.81 2.27 3.17
C GLY A 92 -15.24 3.63 3.52
N LEU A 93 -15.70 4.22 4.63
CA LEU A 93 -15.22 5.54 5.05
C LEU A 93 -14.61 5.53 6.44
N TYR A 94 -13.35 5.96 6.54
CA TYR A 94 -12.66 6.01 7.83
C TYR A 94 -11.84 7.28 7.95
N ASP A 95 -11.65 7.73 9.19
CA ASP A 95 -10.86 8.92 9.46
C ASP A 95 -9.56 8.47 10.12
N PHE A 96 -8.51 9.27 10.01
CA PHE A 96 -7.23 8.92 10.62
C PHE A 96 -6.87 9.86 11.74
N GLY A 97 -6.49 9.29 12.88
CA GLY A 97 -6.11 10.10 14.03
C GLY A 97 -4.67 10.54 13.97
N PRO A 98 -4.19 11.28 14.97
CA PRO A 98 -2.81 11.78 15.04
C PRO A 98 -1.75 10.76 14.63
N VAL A 99 -1.69 9.63 15.32
CA VAL A 99 -0.71 8.59 15.00
C VAL A 99 -0.88 8.07 13.58
N GLY A 100 -2.13 7.95 13.15
CA GLY A 100 -2.40 7.48 11.80
C GLY A 100 -1.78 8.44 10.80
N CYS A 101 -2.02 9.72 11.01
CA CYS A 101 -1.49 10.75 10.12
C CYS A 101 0.03 10.77 10.10
N ALA A 102 0.64 10.61 11.27
CA ALA A 102 2.10 10.62 11.37
C ALA A 102 2.70 9.46 10.55
N LEU A 103 2.10 8.28 10.69
CA LEU A 103 2.56 7.11 9.97
C LEU A 103 2.22 7.20 8.49
N LYS A 104 1.05 7.77 8.19
CA LYS A 104 0.62 7.94 6.81
C LYS A 104 1.52 8.92 6.09
N ASN A 105 1.97 9.96 6.80
CA ASN A 105 2.83 10.96 6.22
C ASN A 105 4.26 10.42 6.04
N ASN A 106 4.69 9.53 6.92
CA ASN A 106 6.02 8.96 6.82
C ASN A 106 6.12 8.07 5.60
N ILE A 107 5.05 7.32 5.33
CA ILE A 107 5.01 6.43 4.17
C ILE A 107 5.06 7.22 2.87
N ILE A 108 4.29 8.30 2.78
CA ILE A 108 4.27 9.12 1.58
C ILE A 108 5.63 9.77 1.36
N GLN A 109 6.25 10.21 2.45
CA GLN A 109 7.54 10.86 2.35
C GLN A 109 8.60 9.86 1.91
N THR A 110 8.50 8.64 2.43
CA THR A 110 9.44 7.58 2.08
C THR A 110 9.27 7.23 0.61
N TRP A 111 8.03 7.30 0.14
CA TRP A 111 7.73 7.00 -1.26
C TRP A 111 8.33 8.06 -2.16
N ARG A 112 8.21 9.32 -1.76
CA ARG A 112 8.73 10.43 -2.54
C ARG A 112 10.23 10.28 -2.78
N GLN A 113 10.96 9.91 -1.73
CA GLN A 113 12.41 9.72 -1.84
C GLN A 113 12.75 8.53 -2.72
N HIS A 114 11.98 7.46 -2.56
CA HIS A 114 12.21 6.22 -3.29
C HIS A 114 11.94 6.30 -4.80
N PHE A 115 10.93 7.06 -5.20
CA PHE A 115 10.60 7.17 -6.62
C PHE A 115 10.79 8.55 -7.22
N ILE A 116 10.03 9.52 -6.76
CA ILE A 116 10.11 10.88 -7.28
C ILE A 116 11.53 11.44 -7.22
N GLN A 117 12.15 11.34 -6.05
CA GLN A 117 13.50 11.86 -5.85
C GLN A 117 14.56 11.00 -6.56
N GLU A 118 14.43 9.69 -6.42
CA GLU A 118 15.37 8.75 -7.02
C GLU A 118 15.36 8.75 -8.54
N GLU A 119 14.19 8.88 -9.14
CA GLU A 119 14.05 8.87 -10.59
C GLU A 119 13.82 10.27 -11.16
N GLN A 120 13.96 11.29 -10.33
CA GLN A 120 13.75 12.67 -10.75
C GLN A 120 12.44 12.81 -11.55
N ILE A 121 11.36 12.30 -10.96
CA ILE A 121 10.05 12.34 -11.58
C ILE A 121 9.38 13.71 -11.45
N LEU A 122 8.66 14.12 -12.50
CA LEU A 122 7.97 15.40 -12.47
C LEU A 122 6.71 15.22 -11.63
N GLU A 123 6.24 16.28 -10.99
CA GLU A 123 5.05 16.19 -10.17
C GLU A 123 3.99 17.23 -10.52
N ILE A 124 2.74 16.77 -10.58
CA ILE A 124 1.63 17.66 -10.89
C ILE A 124 0.47 17.29 -9.96
N ASP A 125 -0.46 18.21 -9.79
CA ASP A 125 -1.60 17.98 -8.92
C ASP A 125 -2.86 18.42 -9.66
N CYS A 126 -3.57 17.45 -10.22
CA CYS A 126 -4.79 17.74 -10.97
C CYS A 126 -6.03 17.65 -10.10
N THR A 127 -7.15 18.12 -10.63
CA THR A 127 -8.42 18.11 -9.91
C THR A 127 -9.02 16.71 -9.78
N MET A 128 -9.91 16.54 -8.82
CA MET A 128 -10.57 15.25 -8.60
C MET A 128 -11.86 15.21 -9.41
N LEU A 129 -12.53 16.35 -9.51
CA LEU A 129 -13.75 16.44 -10.28
C LEU A 129 -13.36 16.34 -11.75
N THR A 130 -14.12 15.57 -12.51
CA THR A 130 -13.83 15.39 -13.93
C THR A 130 -15.11 15.46 -14.75
N PRO A 131 -15.09 16.20 -15.87
CA PRO A 131 -16.28 16.30 -16.72
C PRO A 131 -16.44 14.99 -17.48
N GLU A 132 -17.65 14.45 -17.43
CA GLU A 132 -17.98 13.17 -18.08
C GLU A 132 -17.22 12.84 -19.37
N PRO A 133 -17.20 13.76 -20.35
CA PRO A 133 -16.50 13.53 -21.62
C PRO A 133 -15.10 12.94 -21.47
N VAL A 134 -14.36 13.42 -20.48
CA VAL A 134 -12.99 12.96 -20.24
C VAL A 134 -12.90 11.48 -19.87
N LEU A 135 -13.77 11.04 -18.97
CA LEU A 135 -13.77 9.65 -18.53
C LEU A 135 -14.44 8.72 -19.54
N LYS A 136 -15.24 9.31 -20.42
CA LYS A 136 -15.92 8.53 -21.46
C LYS A 136 -14.89 8.14 -22.51
N THR A 137 -13.99 9.06 -22.81
CA THR A 137 -12.94 8.83 -23.80
C THR A 137 -11.88 7.86 -23.29
N SER A 138 -11.76 7.77 -21.97
CA SER A 138 -10.78 6.87 -21.36
C SER A 138 -11.33 5.45 -21.26
N GLY A 139 -12.64 5.31 -21.42
CA GLY A 139 -13.26 4.00 -21.35
C GLY A 139 -13.74 3.61 -19.97
N HIS A 140 -13.69 4.54 -19.03
CA HIS A 140 -14.14 4.26 -17.67
C HIS A 140 -15.65 4.27 -17.56
N VAL A 141 -16.29 5.15 -18.32
CA VAL A 141 -17.74 5.26 -18.32
C VAL A 141 -18.38 4.00 -18.90
N ASP A 142 -17.55 3.11 -19.44
CA ASP A 142 -18.05 1.89 -20.05
C ASP A 142 -17.53 0.58 -19.44
N LYS A 143 -16.22 0.50 -19.21
CA LYS A 143 -15.64 -0.72 -18.67
C LYS A 143 -15.17 -0.69 -17.22
N PHE A 144 -15.31 0.45 -16.54
CA PHE A 144 -14.89 0.54 -15.15
C PHE A 144 -16.04 0.21 -14.21
N ALA A 145 -16.20 -1.07 -13.91
CA ALA A 145 -17.28 -1.51 -13.03
C ALA A 145 -17.03 -2.88 -12.43
N ASP A 146 -17.91 -3.27 -11.52
CA ASP A 146 -17.83 -4.57 -10.85
C ASP A 146 -19.17 -5.26 -10.99
N PHE A 147 -19.14 -6.59 -11.09
CA PHE A 147 -20.37 -7.36 -11.22
C PHE A 147 -21.07 -7.39 -9.87
N MET A 148 -22.31 -6.90 -9.85
CA MET A 148 -23.10 -6.83 -8.64
C MET A 148 -24.33 -7.74 -8.68
N VAL A 149 -24.65 -8.30 -7.53
CA VAL A 149 -25.82 -9.18 -7.40
C VAL A 149 -26.58 -8.75 -6.16
N LYS A 150 -27.87 -9.06 -6.12
CA LYS A 150 -28.70 -8.70 -4.98
C LYS A 150 -29.91 -9.62 -4.87
N ASP A 151 -30.28 -9.96 -3.65
CA ASP A 151 -31.42 -10.84 -3.43
C ASP A 151 -32.71 -10.15 -3.85
N VAL A 152 -33.60 -10.92 -4.48
CA VAL A 152 -34.88 -10.40 -4.97
C VAL A 152 -35.79 -9.88 -3.86
N LYS A 153 -35.56 -10.33 -2.63
CA LYS A 153 -36.38 -9.91 -1.50
C LYS A 153 -36.24 -8.41 -1.23
N ASN A 154 -35.03 -7.98 -0.85
CA ASN A 154 -34.79 -6.57 -0.59
C ASN A 154 -33.66 -6.03 -1.47
N GLY A 155 -33.22 -4.80 -1.19
CA GLY A 155 -32.16 -4.20 -1.98
C GLY A 155 -30.84 -4.94 -1.89
N GLU A 156 -30.20 -4.89 -0.73
CA GLU A 156 -28.92 -5.54 -0.47
C GLU A 156 -28.11 -5.96 -1.69
N CYS A 157 -27.08 -5.18 -1.99
CA CYS A 157 -26.19 -5.46 -3.12
C CYS A 157 -24.92 -6.14 -2.64
N PHE A 158 -24.34 -6.98 -3.50
CA PHE A 158 -23.12 -7.71 -3.17
C PHE A 158 -22.24 -7.79 -4.42
N ARG A 159 -20.92 -7.80 -4.23
CA ARG A 159 -20.02 -7.91 -5.35
C ARG A 159 -19.92 -9.39 -5.72
N ALA A 160 -20.60 -9.77 -6.79
CA ALA A 160 -20.62 -11.15 -7.27
C ALA A 160 -19.23 -11.78 -7.25
N ASP A 161 -18.27 -11.08 -7.83
CA ASP A 161 -16.88 -11.54 -7.89
C ASP A 161 -16.43 -12.18 -6.58
N HIS A 162 -16.56 -11.43 -5.48
CA HIS A 162 -16.14 -11.89 -4.16
C HIS A 162 -17.09 -12.85 -3.48
N LEU A 163 -18.39 -12.56 -3.52
CA LEU A 163 -19.38 -13.43 -2.88
C LEU A 163 -19.17 -14.88 -3.31
N LEU A 164 -19.04 -15.10 -4.62
CA LEU A 164 -18.84 -16.44 -5.16
C LEU A 164 -17.55 -17.03 -4.57
N LYS A 165 -16.57 -16.17 -4.33
CA LYS A 165 -15.29 -16.60 -3.78
C LYS A 165 -15.43 -17.02 -2.31
N ALA A 166 -16.33 -16.35 -1.60
CA ALA A 166 -16.56 -16.66 -0.19
C ALA A 166 -17.42 -17.91 -0.06
N HIS A 167 -18.23 -18.17 -1.08
CA HIS A 167 -19.11 -19.33 -1.10
C HIS A 167 -18.32 -20.62 -1.30
N LEU A 168 -17.41 -20.60 -2.27
CA LEU A 168 -16.60 -21.78 -2.55
C LEU A 168 -15.71 -22.14 -1.37
N GLN A 169 -15.22 -21.11 -0.68
CA GLN A 169 -14.35 -21.33 0.48
C GLN A 169 -15.14 -22.00 1.61
N LYS A 170 -16.45 -21.79 1.61
CA LYS A 170 -17.31 -22.38 2.63
C LYS A 170 -17.53 -23.85 2.31
N LEU A 171 -17.55 -24.16 1.03
CA LEU A 171 -17.76 -25.53 0.57
C LEU A 171 -16.49 -26.36 0.69
N MET A 172 -15.34 -25.73 0.48
CA MET A 172 -14.06 -26.43 0.59
C MET A 172 -13.70 -26.66 2.04
N SER A 173 -14.25 -25.81 2.92
CA SER A 173 -13.99 -25.93 4.34
C SER A 173 -14.74 -27.10 4.94
N ASP A 174 -15.98 -27.29 4.50
CA ASP A 174 -16.82 -28.38 5.00
C ASP A 174 -16.17 -29.74 4.77
N LYS A 175 -16.05 -30.51 5.86
CA LYS A 175 -15.43 -31.83 5.80
C LYS A 175 -16.14 -32.78 4.85
N LYS A 176 -17.44 -32.60 4.68
CA LYS A 176 -18.22 -33.46 3.80
C LYS A 176 -17.78 -33.32 2.34
N CYS A 177 -16.97 -32.29 2.07
CA CYS A 177 -16.48 -32.04 0.72
C CYS A 177 -15.40 -33.04 0.32
N SER A 178 -15.54 -33.60 -0.88
CA SER A 178 -14.58 -34.57 -1.39
C SER A 178 -13.36 -33.89 -1.99
N VAL A 179 -12.24 -34.59 -2.00
CA VAL A 179 -11.01 -34.06 -2.56
C VAL A 179 -11.18 -33.71 -4.03
N GLU A 180 -11.94 -34.52 -4.75
CA GLU A 180 -12.19 -34.30 -6.17
C GLU A 180 -12.84 -32.94 -6.41
N LYS A 181 -13.71 -32.54 -5.50
CA LYS A 181 -14.42 -31.26 -5.64
C LYS A 181 -13.59 -30.10 -5.10
N LYS A 182 -13.06 -30.24 -3.89
CA LYS A 182 -12.25 -29.18 -3.29
C LYS A 182 -11.22 -28.70 -4.31
N SER A 183 -10.66 -29.65 -5.06
CA SER A 183 -9.66 -29.34 -6.07
C SER A 183 -10.29 -28.52 -7.19
N GLU A 184 -11.41 -29.03 -7.71
CA GLU A 184 -12.13 -28.35 -8.79
C GLU A 184 -12.41 -26.89 -8.45
N MET A 185 -12.94 -26.65 -7.25
CA MET A 185 -13.27 -25.30 -6.82
C MET A 185 -12.04 -24.39 -6.77
N GLU A 186 -10.89 -24.96 -6.42
CA GLU A 186 -9.66 -24.19 -6.36
C GLU A 186 -9.34 -23.64 -7.75
N SER A 187 -9.57 -24.47 -8.77
CA SER A 187 -9.31 -24.08 -10.14
C SER A 187 -10.26 -22.96 -10.56
N VAL A 188 -11.39 -22.87 -9.86
CA VAL A 188 -12.38 -21.85 -10.15
C VAL A 188 -11.96 -20.51 -9.53
N LEU A 189 -11.53 -20.56 -8.27
CA LEU A 189 -11.10 -19.35 -7.57
C LEU A 189 -9.86 -18.76 -8.24
N ALA A 190 -8.92 -19.61 -8.59
CA ALA A 190 -7.68 -19.18 -9.23
C ALA A 190 -7.95 -18.81 -10.69
N GLN A 191 -9.04 -18.10 -10.92
CA GLN A 191 -9.42 -17.71 -12.28
C GLN A 191 -10.72 -16.92 -12.21
N LEU A 192 -10.96 -16.30 -11.06
CA LEU A 192 -12.18 -15.52 -10.82
C LEU A 192 -12.19 -14.19 -11.56
N ASP A 193 -11.03 -13.54 -11.64
CA ASP A 193 -10.93 -12.25 -12.31
C ASP A 193 -11.04 -12.36 -13.83
N ASN A 194 -11.19 -13.60 -14.32
CA ASN A 194 -11.31 -13.85 -15.74
C ASN A 194 -12.78 -13.96 -16.14
N TYR A 195 -13.49 -14.84 -15.46
CA TYR A 195 -14.90 -15.07 -15.72
C TYR A 195 -15.65 -13.77 -16.00
N GLY A 196 -16.13 -13.64 -17.23
CA GLY A 196 -16.87 -12.45 -17.62
C GLY A 196 -18.32 -12.51 -17.22
N GLN A 197 -19.11 -11.59 -17.76
CA GLN A 197 -20.54 -11.52 -17.46
C GLN A 197 -21.24 -12.88 -17.38
N GLN A 198 -21.32 -13.57 -18.52
CA GLN A 198 -21.98 -14.86 -18.58
C GLN A 198 -21.39 -15.93 -17.67
N GLU A 199 -20.10 -16.19 -17.81
CA GLU A 199 -19.42 -17.21 -17.00
C GLU A 199 -19.75 -17.16 -15.51
N LEU A 200 -19.82 -15.95 -14.94
CA LEU A 200 -20.14 -15.81 -13.52
C LEU A 200 -21.58 -16.22 -13.26
N ALA A 201 -22.47 -15.89 -14.19
CA ALA A 201 -23.88 -16.23 -14.06
C ALA A 201 -24.04 -17.74 -13.90
N ASP A 202 -23.28 -18.49 -14.69
CA ASP A 202 -23.34 -19.95 -14.63
C ASP A 202 -22.92 -20.47 -13.25
N LEU A 203 -21.74 -20.04 -12.80
CA LEU A 203 -21.23 -20.46 -11.50
C LEU A 203 -22.22 -20.14 -10.40
N PHE A 204 -22.89 -18.99 -10.51
CA PHE A 204 -23.87 -18.58 -9.52
C PHE A 204 -25.08 -19.50 -9.52
N VAL A 205 -25.26 -20.23 -10.60
CA VAL A 205 -26.39 -21.16 -10.72
C VAL A 205 -25.90 -22.56 -10.39
N ASN A 206 -24.75 -22.94 -10.93
CA ASN A 206 -24.17 -24.26 -10.69
C ASN A 206 -23.98 -24.47 -9.19
N TYR A 207 -23.28 -23.55 -8.54
CA TYR A 207 -23.06 -23.67 -7.11
C TYR A 207 -24.24 -23.08 -6.36
N ASN A 208 -25.24 -22.66 -7.11
CA ASN A 208 -26.47 -22.09 -6.56
C ASN A 208 -26.16 -21.15 -5.39
N VAL A 209 -25.45 -20.07 -5.67
CA VAL A 209 -25.10 -19.10 -4.63
C VAL A 209 -26.35 -18.33 -4.20
N LYS A 210 -26.42 -18.04 -2.91
CA LYS A 210 -27.56 -17.32 -2.35
C LYS A 210 -27.09 -16.39 -1.24
N SER A 211 -27.79 -15.27 -1.07
CA SER A 211 -27.44 -14.27 -0.06
C SER A 211 -26.76 -14.86 1.17
N PRO A 212 -25.65 -14.25 1.60
CA PRO A 212 -24.90 -14.71 2.77
C PRO A 212 -25.75 -14.73 4.04
N ILE A 213 -26.52 -13.65 4.24
CA ILE A 213 -27.40 -13.54 5.40
C ILE A 213 -28.84 -13.86 4.98
N THR A 214 -29.57 -14.54 5.86
CA THR A 214 -30.95 -14.94 5.59
C THR A 214 -31.09 -15.40 4.14
N GLY A 215 -30.06 -16.09 3.68
CA GLY A 215 -30.00 -16.62 2.32
C GLY A 215 -31.24 -16.62 1.47
N ASN A 216 -31.50 -15.49 0.79
CA ASN A 216 -32.65 -15.38 -0.09
C ASN A 216 -32.14 -15.74 -1.48
N ASP A 217 -32.93 -15.50 -2.51
CA ASP A 217 -32.50 -15.80 -3.88
C ASP A 217 -31.76 -14.60 -4.46
N LEU A 218 -30.60 -14.85 -5.04
CA LEU A 218 -29.77 -13.81 -5.64
C LEU A 218 -30.06 -13.59 -7.12
N SER A 219 -30.23 -12.33 -7.50
CA SER A 219 -30.48 -11.97 -8.89
C SER A 219 -29.22 -12.21 -9.71
N PRO A 220 -29.34 -12.32 -11.03
CA PRO A 220 -28.17 -12.55 -11.89
C PRO A 220 -27.16 -11.41 -11.83
N PRO A 221 -25.87 -11.70 -12.04
CA PRO A 221 -24.79 -10.71 -12.01
C PRO A 221 -24.87 -9.67 -13.13
N VAL A 222 -24.67 -8.41 -12.77
CA VAL A 222 -24.70 -7.30 -13.72
C VAL A 222 -23.61 -6.29 -13.41
N SER A 223 -23.19 -5.53 -14.41
CA SER A 223 -22.14 -4.54 -14.24
C SER A 223 -22.62 -3.37 -13.38
N PHE A 224 -21.70 -2.77 -12.64
CA PHE A 224 -22.00 -1.64 -11.78
C PHE A 224 -20.85 -0.64 -11.81
N ASN A 225 -21.04 0.45 -12.55
CA ASN A 225 -20.02 1.49 -12.66
C ASN A 225 -19.63 2.00 -11.27
N LEU A 226 -18.34 1.88 -10.95
CA LEU A 226 -17.82 2.28 -9.65
C LEU A 226 -17.54 3.77 -9.46
N MET A 227 -17.83 4.59 -10.47
CA MET A 227 -17.58 6.03 -10.36
C MET A 227 -18.73 6.79 -9.73
N PHE A 228 -18.39 7.77 -8.91
CA PHE A 228 -19.40 8.61 -8.26
C PHE A 228 -19.92 9.62 -9.28
N LYS A 229 -21.19 9.97 -9.19
CA LYS A 229 -21.78 10.91 -10.13
C LYS A 229 -22.07 12.24 -9.43
N THR A 230 -21.95 13.33 -10.19
CA THR A 230 -22.20 14.67 -9.68
C THR A 230 -22.52 15.60 -10.83
N PHE A 231 -22.70 16.88 -10.51
CA PHE A 231 -22.98 17.90 -11.50
C PHE A 231 -22.16 19.14 -11.20
N ILE A 232 -21.33 19.53 -12.16
CA ILE A 232 -20.48 20.70 -12.02
C ILE A 232 -21.24 21.96 -12.43
N GLY A 233 -21.38 22.89 -11.50
CA GLY A 233 -22.09 24.12 -11.78
C GLY A 233 -23.60 23.94 -11.72
N PRO A 234 -24.37 25.03 -11.69
CA PRO A 234 -25.83 24.96 -11.63
C PRO A 234 -26.43 24.42 -12.93
N GLY A 235 -27.43 23.56 -12.80
CA GLY A 235 -28.04 22.97 -13.97
C GLY A 235 -27.54 21.56 -14.16
N GLY A 236 -27.80 20.98 -15.34
CA GLY A 236 -27.36 19.62 -15.61
C GLY A 236 -26.60 19.53 -16.91
N ASN A 237 -26.29 20.68 -17.51
CA ASN A 237 -25.57 20.71 -18.77
C ASN A 237 -24.21 20.03 -18.68
N MET A 238 -23.63 20.03 -17.49
CA MET A 238 -22.32 19.42 -17.29
C MET A 238 -22.27 18.35 -16.20
N PRO A 239 -22.51 17.09 -16.58
CA PRO A 239 -22.47 16.00 -15.60
C PRO A 239 -21.02 15.58 -15.38
N GLY A 240 -20.64 15.38 -14.13
CA GLY A 240 -19.27 14.99 -13.84
C GLY A 240 -19.11 13.78 -12.95
N TYR A 241 -17.86 13.36 -12.78
CA TYR A 241 -17.52 12.20 -11.95
C TYR A 241 -16.34 12.56 -11.06
N LEU A 242 -16.06 11.69 -10.09
CA LEU A 242 -14.92 11.86 -9.20
C LEU A 242 -13.90 10.86 -9.72
N ARG A 243 -12.71 11.35 -10.06
CA ARG A 243 -11.66 10.50 -10.60
C ARG A 243 -11.41 9.21 -9.83
N PRO A 244 -11.51 8.06 -10.53
CA PRO A 244 -11.28 6.76 -9.91
C PRO A 244 -9.78 6.48 -9.89
N GLU A 245 -9.03 7.34 -10.57
CA GLU A 245 -7.57 7.25 -10.66
C GLU A 245 -7.03 8.63 -11.02
N THR A 246 -5.71 8.79 -10.94
CA THR A 246 -5.09 10.07 -11.25
C THR A 246 -4.47 10.12 -12.64
N ALA A 247 -4.06 8.96 -13.14
CA ALA A 247 -3.43 8.86 -14.45
C ALA A 247 -3.97 9.82 -15.51
N GLN A 248 -5.28 9.86 -15.69
CA GLN A 248 -5.88 10.73 -16.69
C GLN A 248 -5.37 12.17 -16.63
N GLY A 249 -5.30 12.72 -15.44
CA GLY A 249 -4.82 14.09 -15.29
C GLY A 249 -3.45 14.29 -15.92
N ILE A 250 -2.59 13.28 -15.80
CA ILE A 250 -1.25 13.36 -16.35
C ILE A 250 -1.24 13.28 -17.87
N PHE A 251 -2.22 12.56 -18.43
CA PHE A 251 -2.30 12.42 -19.88
C PHE A 251 -2.79 13.69 -20.54
N LEU A 252 -3.81 14.31 -19.97
CA LEU A 252 -4.37 15.55 -20.50
C LEU A 252 -3.36 16.68 -20.44
N ASN A 253 -2.24 16.44 -19.78
CA ASN A 253 -1.18 17.43 -19.65
C ASN A 253 0.13 16.86 -20.18
N PHE A 254 0.04 15.96 -21.16
CA PHE A 254 1.22 15.32 -21.73
C PHE A 254 2.16 16.27 -22.46
N LYS A 255 1.62 17.14 -23.30
CA LYS A 255 2.45 18.08 -24.03
C LYS A 255 3.28 18.98 -23.12
N ARG A 256 2.62 19.60 -22.14
CA ARG A 256 3.30 20.49 -21.21
C ARG A 256 4.39 19.73 -20.44
N LEU A 257 4.14 18.47 -20.13
CA LEU A 257 5.09 17.63 -19.41
C LEU A 257 6.23 17.16 -20.31
N LEU A 258 5.88 16.84 -21.56
CA LEU A 258 6.87 16.38 -22.53
C LEU A 258 7.87 17.50 -22.79
N GLU A 259 7.37 18.73 -22.80
CA GLU A 259 8.20 19.91 -23.03
C GLU A 259 9.27 20.06 -21.95
N PHE A 260 8.94 19.69 -20.73
CA PHE A 260 9.87 19.79 -19.61
C PHE A 260 11.16 19.01 -19.83
N ASN A 261 11.05 17.82 -20.43
CA ASN A 261 12.21 17.00 -20.68
C ASN A 261 12.83 17.30 -22.04
N GLN A 262 12.69 18.55 -22.48
CA GLN A 262 13.23 19.00 -23.76
C GLN A 262 12.52 18.34 -24.94
N GLY A 263 11.77 17.28 -24.67
CA GLY A 263 11.06 16.59 -25.73
C GLY A 263 11.50 15.15 -25.91
N LYS A 264 12.56 14.77 -25.21
CA LYS A 264 13.07 13.40 -25.30
C LYS A 264 12.37 12.42 -24.37
N LEU A 265 12.57 11.14 -24.65
CA LEU A 265 11.99 10.06 -23.86
C LEU A 265 13.12 9.14 -23.40
N PRO A 266 12.92 8.41 -22.30
CA PRO A 266 11.70 8.41 -21.50
C PRO A 266 11.67 9.54 -20.47
N PHE A 267 10.54 9.64 -19.76
CA PHE A 267 10.35 10.64 -18.72
C PHE A 267 9.12 10.23 -17.94
N ALA A 268 9.15 10.40 -16.62
CA ALA A 268 8.03 10.01 -15.80
C ALA A 268 7.37 11.16 -15.06
N ALA A 269 6.04 11.17 -15.08
CA ALA A 269 5.26 12.19 -14.39
C ALA A 269 4.62 11.45 -13.22
N ALA A 270 4.23 12.18 -12.18
CA ALA A 270 3.62 11.55 -11.02
C ALA A 270 2.57 12.42 -10.35
N GLN A 271 1.75 11.77 -9.52
CA GLN A 271 0.71 12.44 -8.79
C GLN A 271 0.43 11.72 -7.48
N ILE A 272 0.15 12.48 -6.43
CA ILE A 272 -0.15 11.92 -5.13
C ILE A 272 -1.41 12.61 -4.63
N GLY A 273 -2.56 12.08 -5.01
CA GLY A 273 -3.82 12.67 -4.60
C GLY A 273 -4.86 11.62 -4.26
N ASN A 274 -6.08 12.08 -4.02
CA ASN A 274 -7.18 11.18 -3.68
C ASN A 274 -7.98 10.74 -4.89
N SER A 275 -8.49 9.52 -4.81
CA SER A 275 -9.31 8.96 -5.88
C SER A 275 -10.56 8.40 -5.19
N PHE A 276 -11.64 8.30 -5.94
CA PHE A 276 -12.89 7.80 -5.38
C PHE A 276 -13.38 6.55 -6.11
N ARG A 277 -13.86 5.58 -5.35
CA ARG A 277 -14.37 4.33 -5.91
C ARG A 277 -15.65 4.00 -5.14
N ASN A 278 -16.79 4.16 -5.80
CA ASN A 278 -18.07 3.87 -5.18
C ASN A 278 -18.23 2.36 -4.99
N GLU A 279 -17.26 1.77 -4.29
CA GLU A 279 -17.25 0.34 -4.02
C GLU A 279 -18.65 -0.15 -3.63
N ILE A 280 -19.01 -1.30 -4.18
CA ILE A 280 -20.32 -1.90 -3.94
C ILE A 280 -20.60 -2.19 -2.46
N SER A 281 -19.90 -3.18 -1.91
CA SER A 281 -20.09 -3.55 -0.52
C SER A 281 -18.75 -3.78 0.18
N PRO A 282 -18.19 -2.71 0.79
CA PRO A 282 -16.90 -2.78 1.50
C PRO A 282 -16.99 -3.47 2.87
N ARG A 283 -16.20 -4.52 3.04
CA ARG A 283 -16.18 -5.26 4.30
C ARG A 283 -14.76 -5.66 4.68
N SER A 284 -13.77 -4.95 4.15
CA SER A 284 -12.38 -5.26 4.43
C SER A 284 -11.63 -4.17 5.19
N GLY A 285 -12.37 -3.39 5.98
CA GLY A 285 -11.74 -2.32 6.72
C GLY A 285 -11.06 -1.34 5.78
N LEU A 286 -9.78 -1.07 6.02
CA LEU A 286 -9.04 -0.13 5.17
C LEU A 286 -8.67 -0.71 3.82
N ILE A 287 -8.88 -2.01 3.63
CA ILE A 287 -8.56 -2.64 2.35
C ILE A 287 -9.53 -2.18 1.26
N ARG A 288 -10.78 -1.95 1.64
CA ARG A 288 -11.80 -1.50 0.71
C ARG A 288 -12.47 -0.22 1.17
N VAL A 289 -12.04 0.90 0.62
CA VAL A 289 -12.62 2.19 0.96
C VAL A 289 -13.17 2.82 -0.31
N ARG A 290 -14.02 3.83 -0.14
CA ARG A 290 -14.62 4.51 -1.28
C ARG A 290 -13.92 5.84 -1.49
N GLU A 291 -12.81 6.00 -0.78
CA GLU A 291 -12.02 7.22 -0.85
C GLU A 291 -10.65 6.91 -0.29
N PHE A 292 -9.60 7.19 -1.07
CA PHE A 292 -8.25 6.91 -0.61
C PHE A 292 -7.18 7.71 -1.35
N THR A 293 -6.01 7.79 -0.75
CA THR A 293 -4.88 8.49 -1.34
C THR A 293 -4.03 7.49 -2.10
N MET A 294 -3.74 7.80 -3.37
CA MET A 294 -2.92 6.90 -4.16
C MET A 294 -1.83 7.67 -4.89
N ALA A 295 -0.65 7.06 -4.98
CA ALA A 295 0.50 7.66 -5.65
C ALA A 295 0.69 6.91 -6.95
N GLU A 296 0.60 7.63 -8.08
CA GLU A 296 0.74 7.01 -9.38
C GLU A 296 1.83 7.64 -10.25
N ILE A 297 2.62 6.77 -10.89
CA ILE A 297 3.70 7.22 -11.77
C ILE A 297 3.36 6.82 -13.20
N GLU A 298 3.59 7.72 -14.15
CA GLU A 298 3.33 7.43 -15.55
C GLU A 298 4.67 7.51 -16.27
N HIS A 299 5.31 6.35 -16.46
CA HIS A 299 6.60 6.29 -17.11
C HIS A 299 6.47 6.22 -18.64
N PHE A 300 6.52 7.38 -19.28
CA PHE A 300 6.41 7.48 -20.73
C PHE A 300 7.69 7.05 -21.43
N VAL A 301 7.66 5.90 -22.09
CA VAL A 301 8.82 5.39 -22.79
C VAL A 301 8.49 5.11 -24.26
N ASP A 302 9.51 5.01 -25.10
CA ASP A 302 9.31 4.73 -26.51
C ASP A 302 9.09 3.23 -26.69
N PRO A 303 8.03 2.84 -27.40
CA PRO A 303 7.71 1.43 -27.64
C PRO A 303 8.86 0.55 -28.10
N SER A 304 9.81 1.13 -28.83
CA SER A 304 10.96 0.36 -29.32
C SER A 304 12.14 0.44 -28.37
N GLU A 305 12.00 1.24 -27.31
CA GLU A 305 13.07 1.40 -26.34
C GLU A 305 12.68 0.95 -24.93
N LYS A 306 11.84 -0.07 -24.84
CA LYS A 306 11.41 -0.59 -23.54
C LYS A 306 12.55 -1.27 -22.79
N ASP A 307 13.58 -0.50 -22.50
CA ASP A 307 14.75 -1.01 -21.77
C ASP A 307 15.13 0.01 -20.71
N HIS A 308 15.33 -0.43 -19.47
CA HIS A 308 15.67 0.49 -18.40
C HIS A 308 17.13 0.39 -17.97
N PRO A 309 17.88 1.52 -18.07
CA PRO A 309 19.29 1.66 -17.72
C PRO A 309 19.68 1.18 -16.32
N LYS A 310 18.81 1.42 -15.34
CA LYS A 310 19.11 1.04 -13.95
C LYS A 310 18.70 -0.37 -13.55
N PHE A 311 18.11 -1.13 -14.47
CA PHE A 311 17.67 -2.49 -14.15
C PHE A 311 18.69 -3.33 -13.41
N GLN A 312 19.97 -3.14 -13.71
CA GLN A 312 21.02 -3.92 -13.07
C GLN A 312 21.12 -3.64 -11.57
N ASN A 313 20.39 -2.63 -11.10
CA ASN A 313 20.39 -2.29 -9.68
C ASN A 313 19.48 -3.22 -8.88
N VAL A 314 18.56 -3.88 -9.57
CA VAL A 314 17.62 -4.79 -8.92
C VAL A 314 17.59 -6.17 -9.58
N ALA A 315 18.59 -6.44 -10.42
CA ALA A 315 18.67 -7.72 -11.11
C ALA A 315 18.96 -8.91 -10.19
N ASP A 316 19.59 -8.64 -9.04
CA ASP A 316 19.92 -9.70 -8.10
C ASP A 316 18.88 -9.89 -6.99
N LEU A 317 17.65 -9.47 -7.25
CA LEU A 317 16.59 -9.62 -6.26
C LEU A 317 15.83 -10.92 -6.46
N HIS A 318 15.65 -11.66 -5.37
CA HIS A 318 14.92 -12.93 -5.41
C HIS A 318 13.54 -12.71 -4.81
N LEU A 319 12.53 -12.62 -5.66
CA LEU A 319 11.16 -12.40 -5.21
C LEU A 319 10.20 -13.40 -5.83
N TYR A 320 9.09 -13.65 -5.15
CA TYR A 320 8.09 -14.60 -5.63
C TYR A 320 7.26 -14.05 -6.79
N LEU A 321 7.33 -14.75 -7.93
CA LEU A 321 6.59 -14.36 -9.12
C LEU A 321 5.50 -15.38 -9.41
N TYR A 322 4.30 -14.91 -9.68
CA TYR A 322 3.17 -15.77 -9.98
C TYR A 322 2.63 -15.40 -11.35
N SER A 323 3.36 -15.84 -12.38
CA SER A 323 3.01 -15.55 -13.77
C SER A 323 1.58 -15.94 -14.14
N ALA A 324 1.16 -15.53 -15.33
CA ALA A 324 -0.17 -15.83 -15.83
C ALA A 324 -0.27 -17.33 -16.09
N LYS A 325 0.80 -17.89 -16.66
CA LYS A 325 0.84 -19.31 -16.96
C LYS A 325 0.67 -20.13 -15.68
N ALA A 326 1.52 -19.86 -14.69
CA ALA A 326 1.46 -20.56 -13.42
C ALA A 326 0.04 -20.63 -12.88
N GLN A 327 -0.77 -19.64 -13.23
CA GLN A 327 -2.16 -19.58 -12.77
C GLN A 327 -3.08 -20.41 -13.65
N VAL A 328 -2.83 -20.39 -14.96
CA VAL A 328 -3.66 -21.14 -15.91
C VAL A 328 -3.22 -22.60 -15.97
N SER A 329 -1.98 -22.88 -15.55
CA SER A 329 -1.46 -24.23 -15.56
C SER A 329 -1.56 -24.84 -14.15
N GLY A 330 -2.42 -24.24 -13.33
CA GLY A 330 -2.64 -24.73 -11.98
C GLY A 330 -1.44 -24.95 -11.07
N GLN A 331 -0.28 -24.40 -11.44
CA GLN A 331 0.91 -24.57 -10.60
C GLN A 331 1.14 -23.36 -9.68
N SER A 332 2.08 -23.50 -8.76
CA SER A 332 2.40 -22.44 -7.81
C SER A 332 3.32 -21.36 -8.34
N ALA A 333 3.59 -20.36 -7.50
CA ALA A 333 4.46 -19.25 -7.84
C ALA A 333 5.91 -19.61 -7.55
N ARG A 334 6.81 -19.12 -8.39
CA ARG A 334 8.24 -19.39 -8.24
C ARG A 334 8.97 -18.20 -7.65
N LYS A 335 10.05 -18.47 -6.90
CA LYS A 335 10.85 -17.39 -6.32
C LYS A 335 12.08 -17.25 -7.21
N MET A 336 11.95 -16.44 -8.26
CA MET A 336 13.04 -16.23 -9.21
C MET A 336 13.86 -14.97 -8.95
N ARG A 337 14.94 -14.84 -9.71
CA ARG A 337 15.82 -13.69 -9.64
C ARG A 337 15.30 -12.73 -10.70
N LEU A 338 15.01 -11.49 -10.31
CA LEU A 338 14.48 -10.49 -11.23
C LEU A 338 15.15 -10.54 -12.61
N GLY A 339 16.46 -10.72 -12.64
CA GLY A 339 17.17 -10.78 -13.90
C GLY A 339 16.81 -12.02 -14.70
N ASP A 340 16.87 -13.18 -14.05
CA ASP A 340 16.54 -14.45 -14.69
C ASP A 340 15.11 -14.43 -15.21
N ALA A 341 14.23 -13.76 -14.49
CA ALA A 341 12.82 -13.66 -14.87
C ALA A 341 12.65 -12.95 -16.20
N VAL A 342 13.36 -11.84 -16.38
CA VAL A 342 13.27 -11.08 -17.62
C VAL A 342 13.90 -11.87 -18.76
N GLU A 343 14.94 -12.63 -18.43
CA GLU A 343 15.64 -13.45 -19.42
C GLU A 343 14.71 -14.51 -20.00
N GLN A 344 14.22 -15.38 -19.13
CA GLN A 344 13.32 -16.47 -19.52
C GLN A 344 12.00 -15.99 -20.08
N GLY A 345 11.93 -14.70 -20.42
CA GLY A 345 10.71 -14.14 -21.00
C GLY A 345 9.51 -13.99 -20.07
N VAL A 346 9.66 -14.38 -18.81
CA VAL A 346 8.57 -14.27 -17.85
C VAL A 346 8.10 -12.82 -17.80
N ILE A 347 8.94 -11.94 -17.27
CA ILE A 347 8.62 -10.53 -17.20
C ILE A 347 9.02 -9.94 -18.54
N ASN A 348 8.03 -9.44 -19.28
CA ASN A 348 8.24 -8.86 -20.59
C ASN A 348 9.57 -8.13 -20.76
N ASN A 349 9.60 -6.83 -20.46
CA ASN A 349 10.82 -6.04 -20.62
C ASN A 349 11.52 -5.71 -19.29
N THR A 350 12.58 -4.90 -19.38
CA THR A 350 13.33 -4.51 -18.19
C THR A 350 12.77 -3.26 -17.52
N VAL A 351 12.03 -2.46 -18.27
CA VAL A 351 11.42 -1.26 -17.71
C VAL A 351 10.48 -1.73 -16.61
N LEU A 352 9.63 -2.69 -16.96
CA LEU A 352 8.67 -3.26 -16.03
C LEU A 352 9.41 -3.97 -14.90
N GLY A 353 10.53 -4.59 -15.25
CA GLY A 353 11.32 -5.32 -14.26
C GLY A 353 11.98 -4.40 -13.24
N TYR A 354 12.43 -3.23 -13.70
CA TYR A 354 13.07 -2.28 -12.80
C TYR A 354 12.07 -1.83 -11.75
N PHE A 355 10.89 -1.44 -12.21
CA PHE A 355 9.84 -0.98 -11.32
C PHE A 355 9.39 -2.07 -10.35
N ILE A 356 9.34 -3.32 -10.81
CA ILE A 356 8.94 -4.41 -9.94
C ILE A 356 9.96 -4.50 -8.80
N GLY A 357 11.21 -4.22 -9.11
CA GLY A 357 12.25 -4.25 -8.10
C GLY A 357 12.14 -3.06 -7.17
N ARG A 358 12.03 -1.87 -7.74
CA ARG A 358 11.89 -0.65 -6.97
C ARG A 358 10.69 -0.79 -6.03
N ILE A 359 9.62 -1.37 -6.53
CA ILE A 359 8.41 -1.59 -5.75
C ILE A 359 8.70 -2.54 -4.60
N TYR A 360 9.31 -3.68 -4.91
CA TYR A 360 9.66 -4.66 -3.90
C TYR A 360 10.45 -3.99 -2.79
N LEU A 361 11.49 -3.24 -3.17
CA LEU A 361 12.33 -2.55 -2.22
C LEU A 361 11.54 -1.58 -1.35
N TYR A 362 10.70 -0.77 -1.98
CA TYR A 362 9.89 0.19 -1.23
C TYR A 362 9.02 -0.51 -0.18
N LEU A 363 8.17 -1.42 -0.65
CA LEU A 363 7.28 -2.16 0.23
C LEU A 363 8.04 -2.83 1.37
N THR A 364 9.19 -3.40 1.04
CA THR A 364 10.03 -4.07 2.04
C THR A 364 10.58 -3.06 3.03
N LYS A 365 11.04 -1.92 2.53
CA LYS A 365 11.61 -0.87 3.36
C LYS A 365 10.56 -0.27 4.31
N VAL A 366 9.31 -0.25 3.86
CA VAL A 366 8.21 0.30 4.65
C VAL A 366 7.80 -0.61 5.79
N GLY A 367 7.99 -1.92 5.63
CA GLY A 367 7.62 -2.84 6.68
C GLY A 367 6.92 -4.11 6.24
N ILE A 368 6.73 -4.30 4.93
CA ILE A 368 6.07 -5.50 4.43
C ILE A 368 7.01 -6.69 4.56
N SER A 369 6.47 -7.87 4.82
CA SER A 369 7.27 -9.08 4.97
C SER A 369 7.53 -9.76 3.63
N PRO A 370 8.80 -10.05 3.32
CA PRO A 370 9.18 -10.70 2.06
C PRO A 370 8.48 -12.04 1.82
N ASP A 371 8.33 -12.81 2.89
CA ASP A 371 7.69 -14.13 2.80
C ASP A 371 6.18 -14.02 2.63
N LYS A 372 5.67 -12.78 2.63
CA LYS A 372 4.24 -12.55 2.48
C LYS A 372 4.00 -11.55 1.34
N LEU A 373 4.97 -11.46 0.44
CA LEU A 373 4.89 -10.55 -0.69
C LEU A 373 5.18 -11.29 -2.00
N ARG A 374 4.35 -11.04 -3.01
CA ARG A 374 4.52 -11.68 -4.31
C ARG A 374 3.96 -10.79 -5.42
N PHE A 375 4.41 -11.02 -6.64
CA PHE A 375 3.94 -10.24 -7.78
C PHE A 375 3.19 -11.17 -8.72
N ARG A 376 1.87 -10.99 -8.81
CA ARG A 376 1.03 -11.81 -9.67
C ARG A 376 0.75 -11.12 -10.99
N GLN A 377 0.84 -11.87 -12.08
CA GLN A 377 0.58 -11.33 -13.41
C GLN A 377 -0.88 -11.53 -13.78
N HIS A 378 -1.47 -10.55 -14.45
CA HIS A 378 -2.87 -10.64 -14.85
C HIS A 378 -3.12 -11.71 -15.91
N MET A 379 -4.39 -12.06 -16.05
CA MET A 379 -4.82 -13.07 -17.01
C MET A 379 -5.29 -12.37 -18.28
N GLU A 380 -5.42 -13.12 -19.36
CA GLU A 380 -5.84 -12.54 -20.65
C GLU A 380 -7.07 -11.66 -20.56
N ASN A 381 -8.14 -12.14 -19.94
CA ASN A 381 -9.37 -11.35 -19.82
C ASN A 381 -9.58 -10.74 -18.45
N GLU A 382 -8.50 -10.61 -17.69
CA GLU A 382 -8.54 -10.00 -16.36
C GLU A 382 -7.97 -8.59 -16.53
N MET A 383 -7.29 -8.40 -17.66
CA MET A 383 -6.67 -7.13 -18.03
C MET A 383 -7.62 -5.96 -17.82
N ALA A 384 -7.06 -4.79 -17.54
CA ALA A 384 -7.88 -3.60 -17.34
C ALA A 384 -8.23 -3.13 -18.75
N HIS A 385 -9.30 -2.34 -18.88
CA HIS A 385 -9.71 -1.87 -20.21
C HIS A 385 -8.64 -1.04 -20.91
N TYR A 386 -7.69 -0.52 -20.14
CA TYR A 386 -6.62 0.32 -20.68
C TYR A 386 -5.26 -0.38 -20.71
N ALA A 387 -5.21 -1.63 -20.27
CA ALA A 387 -3.94 -2.36 -20.24
C ALA A 387 -3.83 -3.52 -21.23
N CYS A 388 -2.60 -3.96 -21.44
CA CYS A 388 -2.31 -5.07 -22.35
C CYS A 388 -1.45 -6.09 -21.59
N ASP A 389 -1.03 -5.70 -20.39
CA ASP A 389 -0.21 -6.55 -19.53
C ASP A 389 -0.05 -5.83 -18.19
N CYS A 390 0.01 -6.60 -17.10
CA CYS A 390 0.14 -6.00 -15.79
C CYS A 390 0.59 -6.97 -14.71
N TRP A 391 1.23 -6.42 -13.68
CA TRP A 391 1.70 -7.20 -12.55
C TRP A 391 1.32 -6.46 -11.28
N ASP A 392 0.63 -7.17 -10.38
CA ASP A 392 0.21 -6.57 -9.12
C ASP A 392 1.06 -7.10 -7.97
N ALA A 393 1.44 -6.19 -7.08
CA ALA A 393 2.22 -6.58 -5.92
C ALA A 393 1.17 -6.95 -4.88
N GLU A 394 1.08 -8.24 -4.57
CA GLU A 394 0.10 -8.70 -3.61
C GLU A 394 0.74 -9.08 -2.28
N SER A 395 0.08 -8.71 -1.20
CA SER A 395 0.55 -9.02 0.14
C SER A 395 -0.42 -9.99 0.80
N LYS A 396 0.11 -11.03 1.43
CA LYS A 396 -0.73 -12.02 2.08
C LYS A 396 -1.18 -11.47 3.42
N THR A 397 -2.49 -11.27 3.56
CA THR A 397 -3.08 -10.75 4.78
C THR A 397 -4.20 -11.65 5.29
N SER A 398 -4.87 -11.22 6.34
CA SER A 398 -5.97 -12.02 6.90
C SER A 398 -7.12 -12.10 5.91
N TYR A 399 -6.98 -11.39 4.78
CA TYR A 399 -7.99 -11.39 3.74
C TYR A 399 -7.40 -12.09 2.52
N GLY A 400 -6.35 -12.87 2.74
CA GLY A 400 -5.69 -13.58 1.66
C GLY A 400 -4.84 -12.62 0.85
N TRP A 401 -4.51 -13.00 -0.38
CA TRP A 401 -3.69 -12.14 -1.22
C TRP A 401 -4.51 -10.99 -1.79
N ILE A 402 -4.04 -9.77 -1.55
CA ILE A 402 -4.72 -8.58 -2.04
C ILE A 402 -3.69 -7.66 -2.73
N GLU A 403 -4.09 -7.05 -3.83
CA GLU A 403 -3.20 -6.17 -4.56
C GLU A 403 -3.05 -4.85 -3.82
N ILE A 404 -1.80 -4.43 -3.61
CA ILE A 404 -1.52 -3.18 -2.93
C ILE A 404 -0.82 -2.20 -3.86
N VAL A 405 -0.27 -2.73 -4.94
CA VAL A 405 0.43 -1.91 -5.95
C VAL A 405 0.23 -2.56 -7.31
N GLY A 406 -0.35 -1.81 -8.24
CA GLY A 406 -0.58 -2.34 -9.57
C GLY A 406 0.33 -1.73 -10.62
N CYS A 407 1.25 -2.53 -11.15
CA CYS A 407 2.18 -2.04 -12.17
C CYS A 407 1.69 -2.51 -13.54
N ALA A 408 0.91 -1.66 -14.21
CA ALA A 408 0.36 -1.99 -15.53
C ALA A 408 1.18 -1.44 -16.69
N ASP A 409 0.87 -1.92 -17.90
CA ASP A 409 1.59 -1.54 -19.12
C ASP A 409 0.64 -1.10 -20.24
N ARG A 410 -0.09 0.00 -20.00
CA ARG A 410 -1.04 0.53 -20.99
C ARG A 410 -0.30 0.97 -22.26
N SER A 411 0.17 -0.03 -22.98
CA SER A 411 0.91 0.11 -24.23
C SER A 411 0.88 1.51 -24.82
N CYS A 412 -0.33 2.06 -24.96
CA CYS A 412 -0.51 3.40 -25.50
C CYS A 412 -1.97 3.76 -25.74
N TYR A 413 -2.83 3.04 -25.02
CA TYR A 413 -4.26 3.22 -25.10
C TYR A 413 -4.77 4.61 -24.71
N ASP A 414 -4.10 5.27 -23.76
CA ASP A 414 -4.54 6.58 -23.30
C ASP A 414 -4.27 7.79 -24.20
N LEU A 415 -3.00 8.08 -24.46
CA LEU A 415 -2.67 9.23 -25.31
C LEU A 415 -3.45 9.22 -26.62
N SER A 416 -3.66 8.02 -27.17
CA SER A 416 -4.39 7.85 -28.42
C SER A 416 -5.86 8.26 -28.30
N CYS A 417 -6.57 7.63 -27.37
CA CYS A 417 -7.98 7.93 -27.15
C CYS A 417 -8.24 9.43 -27.01
N HIS A 418 -7.49 10.08 -26.13
CA HIS A 418 -7.64 11.51 -25.92
C HIS A 418 -7.22 12.31 -27.15
N ALA A 419 -6.19 11.84 -27.84
CA ALA A 419 -5.71 12.52 -29.03
C ALA A 419 -6.83 12.59 -30.06
N ARG A 420 -7.48 11.46 -30.29
CA ARG A 420 -8.58 11.38 -31.26
C ARG A 420 -9.77 12.22 -30.84
N ALA A 421 -10.42 11.80 -29.75
CA ALA A 421 -11.61 12.49 -29.23
C ALA A 421 -11.53 14.01 -29.27
N THR A 422 -10.32 14.56 -29.11
CA THR A 422 -10.15 16.02 -29.11
C THR A 422 -9.38 16.52 -30.33
N LYS A 423 -9.01 15.59 -31.21
CA LYS A 423 -8.26 15.93 -32.41
C LYS A 423 -6.96 16.65 -32.06
N VAL A 424 -6.48 16.45 -30.84
CA VAL A 424 -5.24 17.07 -30.39
C VAL A 424 -4.13 16.04 -30.37
N PRO A 425 -3.12 16.20 -31.23
CA PRO A 425 -1.99 15.28 -31.32
C PRO A 425 -1.15 15.21 -30.04
N LEU A 426 -0.89 14.00 -29.58
CA LEU A 426 -0.10 13.78 -28.37
C LEU A 426 1.02 12.78 -28.66
N VAL A 427 2.10 13.25 -29.25
CA VAL A 427 3.23 12.39 -29.59
C VAL A 427 4.58 13.08 -29.41
N ALA A 428 5.65 12.30 -29.55
CA ALA A 428 7.02 12.81 -29.42
C ALA A 428 7.79 12.43 -30.69
N GLU A 429 9.07 12.76 -30.75
CA GLU A 429 9.88 12.45 -31.93
C GLU A 429 11.30 11.99 -31.58
N LYS A 430 11.86 11.17 -32.46
CA LYS A 430 13.21 10.63 -32.28
C LYS A 430 13.97 10.60 -33.60
N PRO A 431 15.29 10.37 -33.56
CA PRO A 431 16.12 10.33 -34.77
C PRO A 431 16.01 8.99 -35.50
N TYR A 512 14.48 11.51 -41.71
CA TYR A 512 15.42 11.84 -40.59
C TYR A 512 14.84 11.54 -39.22
N VAL A 513 13.88 12.35 -38.78
CA VAL A 513 13.25 12.15 -37.48
C VAL A 513 11.87 11.51 -37.62
N GLU A 514 11.52 10.68 -36.63
CA GLU A 514 10.24 9.99 -36.63
C GLU A 514 9.43 10.29 -35.37
N GLU A 515 8.11 10.34 -35.51
CA GLU A 515 7.24 10.61 -34.38
C GLU A 515 6.72 9.27 -33.85
N VAL A 516 6.46 9.20 -32.54
CA VAL A 516 5.97 7.98 -31.94
C VAL A 516 4.98 8.27 -30.82
N VAL A 517 4.10 7.31 -30.54
CA VAL A 517 3.12 7.44 -29.48
C VAL A 517 3.71 6.70 -28.28
N PRO A 518 4.11 7.45 -27.24
CA PRO A 518 4.70 6.90 -26.02
C PRO A 518 3.91 5.78 -25.33
N ASN A 519 4.61 4.69 -25.04
CA ASN A 519 4.02 3.57 -24.33
C ASN A 519 4.26 3.88 -22.86
N VAL A 520 3.25 3.66 -22.02
CA VAL A 520 3.40 3.96 -20.61
C VAL A 520 3.25 2.80 -19.64
N ILE A 521 4.19 2.73 -18.70
CA ILE A 521 4.19 1.72 -17.64
C ILE A 521 3.70 2.52 -16.43
N GLU A 522 2.59 2.10 -15.84
CA GLU A 522 2.03 2.83 -14.71
C GLU A 522 2.03 2.16 -13.33
N PRO A 523 3.03 2.46 -12.50
CA PRO A 523 3.08 1.88 -11.16
C PRO A 523 2.05 2.64 -10.31
N SER A 524 1.01 1.94 -9.87
CA SER A 524 -0.04 2.57 -9.06
C SER A 524 -0.01 2.11 -7.61
N PHE A 525 0.25 3.04 -6.69
CA PHE A 525 0.32 2.71 -5.27
C PHE A 525 -0.89 3.13 -4.45
N GLY A 526 -1.45 2.16 -3.72
CA GLY A 526 -2.59 2.44 -2.87
C GLY A 526 -2.03 2.60 -1.47
N LEU A 527 -1.62 3.83 -1.15
CA LEU A 527 -1.04 4.14 0.15
C LEU A 527 -1.87 3.66 1.33
N GLY A 528 -3.16 3.42 1.09
CA GLY A 528 -4.03 2.95 2.16
C GLY A 528 -3.78 1.49 2.47
N ARG A 529 -3.81 0.64 1.45
CA ARG A 529 -3.59 -0.80 1.62
C ARG A 529 -2.15 -1.12 2.02
N ILE A 530 -1.21 -0.31 1.57
CA ILE A 530 0.19 -0.53 1.90
C ILE A 530 0.39 -0.33 3.40
N MET A 531 -0.25 0.69 3.95
CA MET A 531 -0.13 0.99 5.37
C MET A 531 -0.75 -0.13 6.20
N TYR A 532 -1.92 -0.60 5.76
CA TYR A 532 -2.62 -1.67 6.47
C TYR A 532 -1.81 -2.96 6.48
N THR A 533 -1.22 -3.30 5.33
CA THR A 533 -0.42 -4.50 5.23
C THR A 533 0.72 -4.41 6.25
N VAL A 534 1.25 -3.20 6.43
CA VAL A 534 2.33 -2.99 7.38
C VAL A 534 1.82 -3.31 8.79
N PHE A 535 0.57 -2.97 9.07
CA PHE A 535 -0.01 -3.25 10.38
C PHE A 535 0.02 -4.74 10.69
N GLU A 536 -0.56 -5.55 9.81
CA GLU A 536 -0.61 -6.99 10.02
C GLU A 536 0.75 -7.67 9.98
N HIS A 537 1.67 -7.11 9.20
CA HIS A 537 3.00 -7.71 9.09
C HIS A 537 3.97 -7.28 10.18
N THR A 538 3.53 -6.38 11.06
CA THR A 538 4.40 -5.92 12.14
C THR A 538 3.71 -5.97 13.50
N PHE A 539 2.43 -6.31 13.51
CA PHE A 539 1.69 -6.39 14.77
C PHE A 539 2.08 -7.63 15.55
N HIS A 540 2.39 -7.46 16.83
CA HIS A 540 2.80 -8.57 17.68
C HIS A 540 2.21 -8.49 19.08
N VAL A 541 2.13 -9.64 19.75
CA VAL A 541 1.60 -9.73 21.10
C VAL A 541 2.73 -10.17 22.02
N ARG A 542 3.09 -9.32 22.98
CA ARG A 542 4.17 -9.64 23.92
C ARG A 542 3.83 -10.97 24.60
N GLU A 543 4.86 -11.73 24.94
CA GLU A 543 4.67 -13.03 25.58
C GLU A 543 4.19 -12.88 27.02
N GLY A 544 4.08 -11.63 27.48
CA GLY A 544 3.61 -11.37 28.84
C GLY A 544 2.12 -11.59 28.98
N ASP A 545 1.71 -12.15 30.11
CA ASP A 545 0.30 -12.43 30.38
C ASP A 545 -0.62 -11.21 30.31
N GLU A 546 -0.05 -10.02 30.38
CA GLU A 546 -0.85 -8.80 30.33
C GLU A 546 -1.42 -8.57 28.93
N GLN A 547 -1.04 -9.44 27.99
CA GLN A 547 -1.52 -9.35 26.62
C GLN A 547 -1.21 -8.01 25.98
N ARG A 548 0.01 -7.52 26.15
CA ARG A 548 0.42 -6.25 25.57
C ARG A 548 0.76 -6.46 24.10
N THR A 549 0.54 -5.43 23.29
CA THR A 549 0.82 -5.51 21.86
C THR A 549 1.75 -4.40 21.43
N PHE A 550 2.35 -4.57 20.25
CA PHE A 550 3.25 -3.57 19.71
C PHE A 550 3.45 -3.80 18.22
N PHE A 551 3.86 -2.74 17.52
CA PHE A 551 4.12 -2.84 16.09
C PHE A 551 5.61 -2.67 15.86
N SER A 552 6.20 -3.59 15.10
CA SER A 552 7.61 -3.51 14.80
C SER A 552 7.82 -2.66 13.54
N PHE A 553 7.38 -1.41 13.61
CA PHE A 553 7.49 -0.48 12.50
C PHE A 553 8.94 -0.10 12.22
N PRO A 554 9.35 -0.13 10.93
CA PRO A 554 10.72 0.24 10.62
C PRO A 554 10.97 1.65 11.13
N ALA A 555 12.23 2.04 11.32
CA ALA A 555 12.55 3.36 11.83
C ALA A 555 12.09 4.51 10.94
N VAL A 556 11.89 4.23 9.65
CA VAL A 556 11.46 5.27 8.71
C VAL A 556 9.96 5.46 8.59
N VAL A 557 9.18 4.69 9.33
CA VAL A 557 7.73 4.82 9.26
C VAL A 557 7.08 4.99 10.62
N ALA A 558 7.75 4.52 11.67
CA ALA A 558 7.22 4.65 13.02
C ALA A 558 6.87 6.11 13.30
N PRO A 559 5.77 6.35 14.04
CA PRO A 559 5.32 7.71 14.37
C PRO A 559 6.51 8.62 14.69
N PHE A 560 7.33 8.20 15.64
CA PHE A 560 8.53 8.94 15.99
C PHE A 560 9.60 7.94 16.47
N LYS A 561 10.78 8.08 15.88
CA LYS A 561 11.91 7.19 16.17
C LYS A 561 12.25 6.92 17.63
N CYS A 562 12.50 7.98 18.40
CA CYS A 562 12.86 7.78 19.79
C CYS A 562 11.86 8.34 20.78
N SER A 563 11.84 7.75 21.98
CA SER A 563 10.95 8.18 23.04
C SER A 563 11.77 8.45 24.30
N VAL A 564 11.89 9.72 24.67
CA VAL A 564 12.65 10.09 25.85
C VAL A 564 11.73 10.12 27.07
N LEU A 565 11.96 9.23 28.02
CA LEU A 565 11.13 9.19 29.22
C LEU A 565 11.94 9.23 30.51
N PRO A 566 11.78 10.31 31.28
CA PRO A 566 12.49 10.50 32.56
C PRO A 566 11.57 10.13 33.71
N LEU A 567 12.14 9.80 34.86
CA LEU A 567 11.34 9.45 36.03
C LEU A 567 10.72 10.69 36.64
N SER A 568 11.56 11.66 36.97
CA SER A 568 11.08 12.91 37.55
C SER A 568 11.16 14.03 36.51
N GLN A 569 10.11 14.85 36.45
CA GLN A 569 10.07 15.95 35.50
C GLN A 569 10.45 17.26 36.18
N ASN A 570 11.05 17.15 37.37
CA ASN A 570 11.47 18.32 38.14
C ASN A 570 12.57 19.09 37.43
N GLN A 571 13.28 19.93 38.18
CA GLN A 571 14.36 20.72 37.61
C GLN A 571 15.71 20.02 37.73
N GLU A 572 15.68 18.77 38.15
CA GLU A 572 16.90 17.97 38.30
C GLU A 572 17.20 17.23 37.00
N PHE A 573 16.14 16.84 36.30
CA PHE A 573 16.27 16.10 35.06
C PHE A 573 16.16 16.98 33.82
N MET A 574 15.47 18.11 33.94
CA MET A 574 15.31 19.02 32.82
C MET A 574 16.62 19.34 32.11
N PRO A 575 17.68 19.64 32.87
CA PRO A 575 18.97 19.95 32.24
C PRO A 575 19.43 18.84 31.30
N PHE A 576 19.02 17.61 31.60
CA PHE A 576 19.38 16.45 30.79
C PHE A 576 18.36 16.22 29.67
N VAL A 577 17.08 16.20 30.05
CA VAL A 577 16.01 16.00 29.09
C VAL A 577 16.11 17.03 27.98
N LYS A 578 16.37 18.28 28.37
CA LYS A 578 16.49 19.39 27.43
C LYS A 578 17.60 19.13 26.42
N GLU A 579 18.80 18.88 26.91
CA GLU A 579 19.95 18.65 26.04
C GLU A 579 19.75 17.45 25.13
N LEU A 580 19.25 16.34 25.69
CA LEU A 580 19.02 15.14 24.90
C LEU A 580 18.02 15.41 23.78
N SER A 581 16.93 16.10 24.12
CA SER A 581 15.89 16.43 23.16
C SER A 581 16.44 17.26 21.99
N GLU A 582 17.31 18.19 22.31
CA GLU A 582 17.89 19.07 21.29
C GLU A 582 19.01 18.35 20.53
N ALA A 583 19.73 17.48 21.22
CA ALA A 583 20.81 16.73 20.58
C ALA A 583 20.20 15.79 19.56
N LEU A 584 19.03 15.25 19.88
CA LEU A 584 18.34 14.35 18.97
C LEU A 584 17.87 15.13 17.76
N THR A 585 17.31 16.31 18.00
CA THR A 585 16.83 17.16 16.92
C THR A 585 17.94 17.50 15.94
N ARG A 586 19.13 17.80 16.47
CA ARG A 586 20.27 18.13 15.62
C ARG A 586 20.68 16.94 14.76
N HIS A 587 20.28 15.73 15.18
CA HIS A 587 20.60 14.52 14.44
C HIS A 587 19.42 14.11 13.56
N GLY A 588 18.36 14.91 13.62
CA GLY A 588 17.18 14.61 12.82
C GLY A 588 16.39 13.40 13.28
N VAL A 589 16.33 13.21 14.60
CA VAL A 589 15.59 12.08 15.17
C VAL A 589 14.30 12.53 15.81
N SER A 590 13.17 12.15 15.22
CA SER A 590 11.86 12.52 15.76
C SER A 590 11.68 11.88 17.13
N HIS A 591 11.24 12.65 18.10
CA HIS A 591 11.05 12.14 19.45
C HIS A 591 9.98 12.89 20.24
N LYS A 592 9.69 12.38 21.43
CA LYS A 592 8.70 12.98 22.33
C LYS A 592 9.00 12.59 23.78
N VAL A 593 8.93 13.58 24.67
CA VAL A 593 9.18 13.34 26.09
C VAL A 593 7.92 12.73 26.71
N ASP A 594 8.07 11.58 27.34
CA ASP A 594 6.92 10.90 27.96
C ASP A 594 6.55 11.53 29.29
N ASP A 595 5.24 11.67 29.52
CA ASP A 595 4.72 12.24 30.75
C ASP A 595 3.65 11.36 31.36
N SER A 596 3.20 10.36 30.61
CA SER A 596 2.17 9.44 31.08
C SER A 596 2.51 8.89 32.46
N SER A 597 1.47 8.48 33.20
CA SER A 597 1.64 7.93 34.54
C SER A 597 2.00 6.46 34.47
N GLY A 598 2.36 5.89 35.62
CA GLY A 598 2.72 4.48 35.67
C GLY A 598 4.21 4.25 35.78
N SER A 599 4.60 2.99 35.96
CA SER A 599 6.01 2.64 36.08
C SER A 599 6.71 2.70 34.73
N ILE A 600 8.03 2.87 34.76
CA ILE A 600 8.83 2.95 33.54
C ILE A 600 8.48 1.80 32.58
N GLY A 601 8.10 0.66 33.15
CA GLY A 601 7.74 -0.49 32.33
C GLY A 601 6.42 -0.29 31.62
N ARG A 602 5.48 0.38 32.28
CA ARG A 602 4.18 0.66 31.68
C ARG A 602 4.28 1.86 30.75
N ARG A 603 5.21 2.75 31.07
CA ARG A 603 5.44 3.95 30.28
C ARG A 603 5.80 3.53 28.85
N TYR A 604 6.59 2.46 28.74
CA TYR A 604 7.01 1.94 27.45
C TYR A 604 5.95 1.06 26.80
N ALA A 605 5.13 0.41 27.62
CA ALA A 605 4.08 -0.46 27.10
C ALA A 605 3.18 0.32 26.16
N ARG A 606 3.06 1.62 26.39
CA ARG A 606 2.22 2.49 25.56
C ARG A 606 3.00 2.98 24.34
N THR A 607 4.31 3.11 24.51
CA THR A 607 5.18 3.55 23.43
C THR A 607 5.34 2.46 22.38
N ASP A 608 5.42 1.21 22.83
CA ASP A 608 5.57 0.08 21.92
C ASP A 608 4.26 -0.12 21.17
N GLU A 609 3.15 0.13 21.86
CA GLU A 609 1.83 -0.05 21.30
C GLU A 609 1.64 0.72 19.99
N ILE A 610 2.25 1.90 19.88
CA ILE A 610 2.13 2.69 18.66
C ILE A 610 3.34 2.51 17.75
N GLY A 611 4.22 1.58 18.14
CA GLY A 611 5.40 1.28 17.34
C GLY A 611 6.66 2.13 17.44
N VAL A 612 6.80 2.91 18.50
CA VAL A 612 8.00 3.73 18.66
C VAL A 612 9.23 2.84 18.63
N ALA A 613 10.18 3.18 17.76
CA ALA A 613 11.40 2.40 17.59
C ALA A 613 12.29 2.22 18.83
N PHE A 614 12.76 3.32 19.40
CA PHE A 614 13.63 3.25 20.56
C PHE A 614 13.15 4.09 21.74
N GLY A 615 13.91 4.03 22.82
CA GLY A 615 13.57 4.78 24.01
C GLY A 615 14.78 4.98 24.90
N VAL A 616 14.89 6.16 25.49
CA VAL A 616 16.00 6.46 26.38
C VAL A 616 15.45 6.82 27.75
N THR A 617 15.83 6.04 28.75
CA THR A 617 15.36 6.28 30.11
C THR A 617 16.39 7.08 30.89
N ILE A 618 15.92 8.18 31.49
CA ILE A 618 16.80 9.04 32.29
C ILE A 618 16.35 8.93 33.75
N ASP A 619 17.13 8.19 34.53
CA ASP A 619 16.82 7.99 35.94
C ASP A 619 17.73 8.84 36.82
N PHE A 620 17.65 8.62 38.13
CA PHE A 620 18.46 9.37 39.08
C PHE A 620 19.95 9.15 38.91
N ASP A 621 20.35 7.93 38.57
CA ASP A 621 21.76 7.62 38.37
C ASP A 621 22.31 8.43 37.20
N THR A 622 21.41 8.84 36.31
CA THR A 622 21.80 9.64 35.15
C THR A 622 22.10 11.05 35.60
N VAL A 623 21.41 11.49 36.66
CA VAL A 623 21.58 12.83 37.21
C VAL A 623 22.63 12.87 38.31
N ASN A 624 22.50 11.98 39.29
CA ASN A 624 23.42 11.94 40.43
C ASN A 624 24.81 11.41 40.08
N LYS A 625 24.87 10.19 39.54
CA LYS A 625 26.16 9.60 39.17
C LYS A 625 26.91 10.43 38.16
N THR A 626 28.14 10.01 37.86
CA THR A 626 28.99 10.69 36.90
C THR A 626 30.14 9.75 36.50
N PRO A 627 30.37 9.57 35.20
CA PRO A 627 29.64 10.18 34.07
C PRO A 627 28.13 9.95 34.11
N HIS A 628 27.40 10.86 33.48
CA HIS A 628 25.95 10.77 33.42
C HIS A 628 25.56 9.83 32.27
N THR A 629 25.03 8.66 32.63
CA THR A 629 24.62 7.68 31.64
C THR A 629 23.12 7.41 31.70
N ALA A 630 22.52 7.17 30.54
CA ALA A 630 21.09 6.89 30.46
C ALA A 630 20.92 5.49 29.89
N THR A 631 19.68 4.99 29.89
CA THR A 631 19.39 3.67 29.38
C THR A 631 18.74 3.69 28.00
N LEU A 632 19.31 2.94 27.07
CA LEU A 632 18.78 2.85 25.70
C LEU A 632 18.01 1.53 25.58
N ARG A 633 16.73 1.63 25.26
CA ARG A 633 15.88 0.44 25.13
C ARG A 633 15.37 0.18 23.72
N ASP A 634 15.47 -1.08 23.30
CA ASP A 634 15.02 -1.49 21.97
C ASP A 634 13.58 -1.97 22.10
N ARG A 635 12.71 -1.45 21.23
CA ARG A 635 11.29 -1.81 21.25
C ARG A 635 11.00 -3.30 21.14
N ASP A 636 11.42 -3.90 20.03
CA ASP A 636 11.19 -5.31 19.77
C ASP A 636 11.68 -6.26 20.87
N SER A 637 12.99 -6.27 21.10
CA SER A 637 13.58 -7.15 22.10
C SER A 637 13.38 -6.68 23.55
N MET A 638 13.09 -5.40 23.73
CA MET A 638 12.91 -4.82 25.06
C MET A 638 14.23 -4.79 25.84
N ARG A 639 15.29 -5.25 25.19
CA ARG A 639 16.60 -5.27 25.82
C ARG A 639 17.14 -3.85 25.95
N GLN A 640 17.87 -3.59 27.02
CA GLN A 640 18.41 -2.24 27.25
C GLN A 640 19.93 -2.14 27.22
N ILE A 641 20.40 -0.91 27.28
CA ILE A 641 21.82 -0.59 27.26
C ILE A 641 22.06 0.61 28.17
N ARG A 642 23.29 0.77 28.64
CA ARG A 642 23.62 1.89 29.51
C ARG A 642 24.83 2.61 28.92
N ALA A 643 24.61 3.84 28.46
CA ALA A 643 25.69 4.63 27.87
C ALA A 643 25.56 6.07 28.32
N GLU A 644 26.62 6.85 28.15
CA GLU A 644 26.58 8.25 28.53
C GLU A 644 25.45 8.94 27.77
N ILE A 645 24.71 9.79 28.47
CA ILE A 645 23.58 10.49 27.89
C ILE A 645 23.96 11.50 26.79
N SER A 646 25.24 11.55 26.43
CA SER A 646 25.68 12.47 25.39
C SER A 646 26.06 11.73 24.12
N GLU A 647 26.26 10.42 24.23
CA GLU A 647 26.63 9.60 23.08
C GLU A 647 25.40 8.94 22.47
N LEU A 648 24.36 8.76 23.29
CA LEU A 648 23.12 8.13 22.83
C LEU A 648 22.54 8.78 21.57
N PRO A 649 22.58 10.11 21.48
CA PRO A 649 22.04 10.80 20.30
C PRO A 649 22.55 10.23 18.98
N SER A 650 23.86 10.23 18.80
CA SER A 650 24.48 9.71 17.58
C SER A 650 24.20 8.22 17.41
N ILE A 651 24.08 7.51 18.52
CA ILE A 651 23.82 6.07 18.49
C ILE A 651 22.43 5.81 17.92
N VAL A 652 21.41 6.41 18.54
CA VAL A 652 20.04 6.24 18.08
C VAL A 652 19.92 6.66 16.62
N GLN A 653 20.76 7.61 16.21
CA GLN A 653 20.74 8.08 14.83
C GLN A 653 21.20 6.97 13.89
N ASP A 654 22.25 6.24 14.27
CA ASP A 654 22.76 5.16 13.44
C ASP A 654 21.84 3.95 13.47
N LEU A 655 21.20 3.73 14.61
CA LEU A 655 20.27 2.60 14.75
C LEU A 655 19.05 2.81 13.86
N ALA A 656 18.59 4.04 13.78
CA ALA A 656 17.42 4.37 12.97
C ALA A 656 17.79 4.46 11.49
N ASN A 657 18.93 5.08 11.20
CA ASN A 657 19.39 5.22 9.83
C ASN A 657 19.84 3.88 9.26
N GLY A 658 19.96 2.89 10.14
CA GLY A 658 20.37 1.56 9.71
C GLY A 658 21.86 1.41 9.54
N ASN A 659 22.63 2.33 10.12
CA ASN A 659 24.08 2.30 10.05
C ASN A 659 24.66 1.31 11.04
N ILE A 660 23.93 1.08 12.14
CA ILE A 660 24.36 0.16 13.18
C ILE A 660 23.24 -0.81 13.55
N THR A 661 23.62 -2.03 13.91
CA THR A 661 22.67 -3.06 14.30
C THR A 661 22.54 -3.04 15.81
N TRP A 662 21.36 -3.41 16.33
CA TRP A 662 21.15 -3.41 17.77
C TRP A 662 22.19 -4.34 18.40
N ALA A 663 22.63 -5.33 17.63
CA ALA A 663 23.63 -6.27 18.10
C ALA A 663 24.92 -5.51 18.37
N ASP A 664 25.29 -4.65 17.43
CA ASP A 664 26.50 -3.85 17.57
C ASP A 664 26.46 -3.05 18.86
N VAL A 665 25.32 -2.44 19.13
CA VAL A 665 25.16 -1.64 20.35
C VAL A 665 25.46 -2.46 21.60
N GLU A 666 24.93 -3.67 21.65
CA GLU A 666 25.16 -4.55 22.79
C GLU A 666 26.60 -5.06 22.83
N ALA A 667 27.34 -4.81 21.76
CA ALA A 667 28.72 -5.27 21.66
C ALA A 667 29.70 -4.20 22.16
N ARG A 668 29.37 -2.94 21.93
CA ARG A 668 30.22 -1.82 22.34
C ARG A 668 29.93 -1.33 23.76
N TYR A 669 28.66 -1.22 24.09
CA TYR A 669 28.25 -0.72 25.40
C TYR A 669 27.77 -1.78 26.38
N PRO A 670 27.89 -1.51 27.68
CA PRO A 670 27.48 -2.42 28.75
C PRO A 670 25.98 -2.67 28.80
N LEU A 671 25.60 -3.94 28.94
CA LEU A 671 24.21 -4.34 29.00
C LEU A 671 23.55 -3.83 30.27
N PHE A 672 22.23 -3.61 30.21
CA PHE A 672 21.48 -3.13 31.36
C PHE A 672 20.21 -3.95 31.53
N GLU A 673 20.10 -4.64 32.67
CA GLU A 673 18.95 -5.48 32.95
C GLU A 673 17.79 -4.65 33.51
#